data_1HZ0
#
_entry.id   1HZ0
#
_cell.length_a   ?
_cell.length_b   ?
_cell.length_c   ?
_cell.angle_alpha   ?
_cell.angle_beta   ?
_cell.angle_gamma   ?
#
loop_
_entity.id
_entity.type
_entity.pdbx_description
1 polymer "DNA (5'-D(*CP*CP*AP*TP*CP*GP*CP*TP*AP*CP*C)-3')"
2 polymer "DNA (5'-D(*GP*GP*TP*AP*GP*CP*GP*AP*TP*GP*G)-3')"
3 non-polymer 2-AMINO-1-METHYL-6-PHENYLIMIDAZO[4,5-B]PYRIDINE
#
loop_
_entity_poly.entity_id
_entity_poly.type
_entity_poly.pdbx_seq_one_letter_code
_entity_poly.pdbx_strand_id
1 'polydeoxyribonucleotide' (DC)(DC)(DA)(DT)(DC)(DG)(DC)(DT)(DA)(DC)(DC) A
2 'polydeoxyribonucleotide' (DG)(DG)(DT)(DA)(DG)(DC)(DG)(DA)(DT)(DG)(DG) B
#
loop_
_chem_comp.id
_chem_comp.type
_chem_comp.name
_chem_comp.formula
DA DNA linking 2'-DEOXYADENOSINE-5'-MONOPHOSPHATE 'C10 H14 N5 O6 P'
DC DNA linking 2'-DEOXYCYTIDINE-5'-MONOPHOSPHATE 'C9 H14 N3 O7 P'
DG DNA linking 2'-DEOXYGUANOSINE-5'-MONOPHOSPHATE 'C10 H14 N5 O7 P'
DT DNA linking THYMIDINE-5'-MONOPHOSPHATE 'C10 H15 N2 O8 P'
PIQ non-polymer 2-AMINO-1-METHYL-6-PHENYLIMIDAZO[4,5-B]PYRIDINE 'C13 H12 N4'
#
# COMPACT_ATOMS: atom_id res chain seq x y z
N PIQ C . 1.75 -4.20 2.20
C2 PIQ C . 1.36 -3.23 1.24
N1 PIQ C . 0.98 -1.98 1.59
C7A PIQ C . 0.69 -1.34 0.40
C7 PIQ C . 0.25 -0.03 0.12
C6 PIQ C . 0.04 0.30 -1.24
C1' PIQ C . -0.44 1.70 -1.65
C2' PIQ C . -0.19 2.84 -0.83
C3' PIQ C . -0.62 4.12 -1.19
C4' PIQ C . -1.33 4.31 -2.40
C5' PIQ C . -1.60 3.21 -3.22
C6' PIQ C . -1.16 1.93 -2.85
N3 PIQ C . 1.34 -3.42 -0.08
CM PIQ C . 0.90 -1.44 2.94
C3A PIQ C . 0.91 -2.22 -0.61
N4 PIQ C . 0.73 -1.95 -1.90
C5 PIQ C . 0.30 -0.71 -2.20
HN1 PIQ C . 2.26 -3.92 3.00
H7 PIQ C . 0.08 0.65 0.94
H2' PIQ C . 0.36 2.71 0.10
H3' PIQ C . -0.40 4.97 -0.54
H4' PIQ C . -1.67 5.31 -2.68
H5' PIQ C . -2.15 3.35 -4.15
H6' PIQ C . -1.37 1.08 -3.51
HM1 PIQ C . 0.49 -0.43 2.91
HM2 PIQ C . 0.26 -2.08 3.54
HM3 PIQ C . 1.90 -1.42 3.38
H5 PIQ C . 0.16 -0.49 -3.24
N PIQ C . 1.47 -4.53 2.27
C2 PIQ C . 1.23 -3.50 1.34
N1 PIQ C . 0.90 -2.25 1.70
C7A PIQ C . 0.75 -1.54 0.53
C7 PIQ C . 0.41 -0.20 0.27
C6 PIQ C . 0.33 0.21 -1.09
C1' PIQ C . -0.02 1.64 -1.47
C2' PIQ C . 0.24 2.72 -0.59
C3' PIQ C . -0.09 4.05 -0.93
C4' PIQ C . -0.69 4.33 -2.17
C5' PIQ C . -0.96 3.28 -3.05
C6' PIQ C . -0.64 1.96 -2.72
N3 PIQ C . 1.29 -3.65 0.01
CM PIQ C . 0.75 -1.76 3.07
C3A PIQ C . 0.99 -2.40 -0.51
N4 PIQ C . 0.93 -2.07 -1.79
C5 PIQ C . 0.61 -0.79 -2.06
HN1 PIQ C . 2.00 -4.34 3.10
H7 PIQ C . 0.23 0.46 1.10
H2' PIQ C . 0.70 2.52 0.38
H3' PIQ C . 0.13 4.85 -0.23
H4' PIQ C . -0.95 5.36 -2.44
H5' PIQ C . -1.42 3.49 -4.02
H6' PIQ C . -0.85 1.16 -3.42
HM1 PIQ C . 0.21 -0.81 3.06
HM2 PIQ C . 0.19 -2.49 3.66
HM3 PIQ C . 1.73 -1.61 3.52
H5 PIQ C . 0.56 -0.52 -3.11
N PIQ C . 1.47 -4.53 2.27
C2 PIQ C . 1.23 -3.50 1.34
N1 PIQ C . 0.90 -2.25 1.70
C7A PIQ C . 0.75 -1.54 0.53
C7 PIQ C . 0.41 -0.20 0.27
C6 PIQ C . 0.33 0.21 -1.09
C1' PIQ C . -0.02 1.64 -1.47
C2' PIQ C . 0.24 2.72 -0.59
C3' PIQ C . -0.09 4.05 -0.93
C4' PIQ C . -0.69 4.33 -2.17
C5' PIQ C . -0.96 3.28 -3.05
C6' PIQ C . -0.64 1.96 -2.72
N3 PIQ C . 1.29 -3.65 0.01
CM PIQ C . 0.75 -1.76 3.07
C3A PIQ C . 0.99 -2.40 -0.51
N4 PIQ C . 0.93 -2.07 -1.79
C5 PIQ C . 0.61 -0.79 -2.06
HN1 PIQ C . 2.00 -4.34 3.10
H7 PIQ C . 0.23 0.46 1.10
H2' PIQ C . 0.70 2.52 0.38
H3' PIQ C . 0.13 4.85 -0.23
H4' PIQ C . -0.95 5.36 -2.44
H5' PIQ C . -1.42 3.49 -4.02
H6' PIQ C . -0.85 1.16 -3.42
HM1 PIQ C . 0.21 -0.81 3.06
HM2 PIQ C . 0.19 -2.49 3.66
HM3 PIQ C . 1.73 -1.61 3.52
H5 PIQ C . 0.56 -0.52 -3.11
N PIQ C . 2.38 -4.89 2.81
C2 PIQ C . 1.80 -3.97 1.91
N1 PIQ C . 1.14 -2.87 2.33
C7A PIQ C . 0.73 -2.22 1.17
C7 PIQ C . 0.00 -1.04 0.94
C6 PIQ C . -0.25 -0.67 -0.40
C1' PIQ C . -1.03 0.60 -0.73
C2' PIQ C . -1.22 1.63 0.23
C3' PIQ C . -1.92 2.81 -0.07
C4' PIQ C . -2.49 2.99 -1.34
C5' PIQ C . -2.33 1.99 -2.31
C6' PIQ C . -1.61 0.82 -2.01
N3 PIQ C . 1.84 -4.08 0.58
CM PIQ C . 0.91 -2.46 3.69
C3A PIQ C . 1.15 -2.97 0.11
N4 PIQ C . 0.94 -2.67 -1.17
C5 PIQ C . 0.26 -1.52 -1.40
HN1 PIQ C . 2.94 -4.55 3.57
H7 PIQ C . -0.33 -0.47 1.80
H2' PIQ C . -0.78 1.51 1.23
H3' PIQ C . -2.05 3.57 0.70
H4' PIQ C . -3.05 3.90 -1.57
H5' PIQ C . -2.76 2.12 -3.30
H6' PIQ C . -1.50 0.05 -2.77
HM1 PIQ C . 0.28 -1.57 3.72
HM2 PIQ C . 0.42 -3.26 4.24
HM3 PIQ C . 1.86 -2.22 4.17
H5 PIQ C . 0.08 -1.29 -2.43
N PIQ C . 2.07 -3.98 2.59
C2 PIQ C . 1.54 -3.04 1.67
N1 PIQ C . 0.89 -1.94 2.05
C7A PIQ C . 0.53 -1.28 0.90
C7 PIQ C . -0.17 -0.08 0.65
C6 PIQ C . -0.36 0.31 -0.70
C1' PIQ C . -1.10 1.60 -1.05
C2' PIQ C . -1.19 2.67 -0.14
C3' PIQ C . -1.88 3.86 -0.46
C4' PIQ C . -2.49 4.00 -1.71
C5' PIQ C . -2.42 2.95 -2.63
C6' PIQ C . -1.73 1.77 -2.31
N3 PIQ C . 1.65 -3.15 0.34
CM PIQ C . 0.61 -1.53 3.43
C3A PIQ C . 1.00 -2.02 -0.16
N4 PIQ C . 0.84 -1.70 -1.44
C5 PIQ C . 0.18 -0.55 -1.69
HN1 PIQ C . 2.70 -3.67 3.30
H7 PIQ C . -0.53 0.48 1.50
H2' PIQ C . -0.72 2.57 0.84
H3' PIQ C . -1.93 4.66 0.27
H4' PIQ C . -3.02 4.92 -1.95
H5' PIQ C . -2.89 3.06 -3.61
H6' PIQ C . -1.69 0.97 -3.05
HM1 PIQ C . -0.08 -0.69 3.43
HM2 PIQ C . 0.15 -2.36 3.97
HM3 PIQ C . 1.53 -1.26 3.92
H5 PIQ C . 0.06 -0.30 -2.72
N PIQ C . 2.17 -4.11 2.47
C2 PIQ C . 1.60 -3.20 1.55
N1 PIQ C . 0.89 -2.12 1.95
C7A PIQ C . 0.51 -1.48 0.77
C7 PIQ C . -0.24 -0.32 0.55
C6 PIQ C . -0.45 0.07 -0.81
C1' PIQ C . -1.25 1.33 -1.16
C2' PIQ C . -1.49 2.34 -0.20
C3' PIQ C . -2.23 3.49 -0.51
C4' PIQ C . -2.75 3.67 -1.81
C5' PIQ C . -2.53 2.68 -2.77
C6' PIQ C . -1.79 1.53 -2.45
N3 PIQ C . 1.71 -3.28 0.22
CM PIQ C . 0.59 -1.73 3.32
C3A PIQ C . 1.01 -2.19 -0.27
N4 PIQ C . 0.85 -1.87 -1.56
C5 PIQ C . 0.13 -0.76 -1.80
HN1 PIQ C . 2.82 -3.78 3.16
H7 PIQ C . -0.63 0.23 1.38
H2' PIQ C . -1.09 2.22 0.80
H3' PIQ C . -2.39 4.26 0.25
H4' PIQ C . -3.32 4.56 -2.05
H5' PIQ C . -2.93 2.81 -3.78
H6' PIQ C . -1.63 0.77 -3.22
HM1 PIQ C . -0.15 -0.94 3.32
HM2 PIQ C . 0.20 -2.59 3.85
HM3 PIQ C . 1.50 -1.39 3.81
H5 PIQ C . 0.00 -0.50 -2.83
#